data_8PW8
#
_entry.id   8PW8
#
_cell.length_a   63.780
_cell.length_b   63.780
_cell.length_c   225.450
_cell.angle_alpha   90.000
_cell.angle_beta   90.000
_cell.angle_gamma   120.000
#
_symmetry.space_group_name_H-M   'P 32 2 1'
#
loop_
_entity.id
_entity.type
_entity.pdbx_description
1 polymer 'N6-adenosine-methyltransferase catalytic subunit'
2 polymer 'N6-adenosine-methyltransferase non-catalytic subunit'
3 non-polymer '(2~{S})-4-[[(2~{R},3~{S},4~{R},5~{R})-5-(6-aminopurin-9-yl)-3,4-bis(oxidanyl)oxolan-2-yl]methyl-[2-[[9-[(2~{R},3~{R},4~{S},5~{R})-5-(hydroxymethyl)-3,4-bis(oxidanyl)oxolan-2-yl]purin-6-yl]amino]ethyl]amino]-2-azanyl-butanoic acid'
4 non-polymer 'ACETATE ION'
5 water water
#
loop_
_entity_poly.entity_id
_entity_poly.type
_entity_poly.pdbx_seq_one_letter_code
_entity_poly.pdbx_strand_id
1 'polypeptide(L)'
;MALTQSVGGDSSADRLFPPQWICCDIRYLDVSILGKFAVVMADPPWDIHMELPYGTLTDDEMRRLNIPVLQDDGFLFLWV
TGRAMELGRECLNLWGYERVDEIIWVKTNQLQRIIRTGRTGHWLNHGKEHCLVGVKGNPQGFNQGLDCDVIVAEVRSTSH
KPDEIYGMIERLSPGTRKIELFGRPHNVQPNWITLGNQLDGIHLLDPDVVARFKQRYPDGIISKPKNL
;
A
2 'polypeptide(L)'
;GLKGTQSLNPHNDYCQHFVDTGHRPQNFIRDVGLADRFEEYPKLRELIRLKDELIAKSNTPPMYLQADIEAFDIRELTPK
FDVILLEPPLEEYYRETGITANEKCWTWDDIMKLEIDEIAAPRSFIFLWCGSGEGLDLGRVCLRKWGYRRCEDICWIKTN
KNNPGKTKTLDPKAVFQRTKEHCLMGIKGTVKRSTDGDFIHANVDIDLIITEEPEIGNIEKPVEIFHIIEHFCLGRRRLH
LFGRDSTIRPGWLTVGPTLTNSNYNAETYASYFSAPNSYLTGCTEEIERL
;
B
#
# COMPACT_ATOMS: atom_id res chain seq x y z
N LEU A 16 19.60 -24.09 17.98
CA LEU A 16 20.73 -23.45 17.30
C LEU A 16 20.59 -21.94 17.33
N PHE A 17 21.17 -21.29 16.31
CA PHE A 17 21.43 -19.85 16.37
C PHE A 17 22.10 -19.40 15.06
N PRO A 18 23.08 -20.13 14.52
CA PRO A 18 23.62 -19.77 13.20
C PRO A 18 22.60 -20.00 12.10
N PRO A 19 22.88 -19.52 10.88
CA PRO A 19 21.94 -19.75 9.77
C PRO A 19 21.66 -21.23 9.56
N GLN A 20 20.41 -21.55 9.33
CA GLN A 20 19.98 -22.89 8.99
C GLN A 20 19.08 -22.81 7.77
N TRP A 21 19.10 -23.86 6.94
CA TRP A 21 18.26 -23.83 5.75
C TRP A 21 17.91 -25.23 5.27
N ILE A 22 16.91 -25.29 4.40
CA ILE A 22 16.38 -26.53 3.85
C ILE A 22 16.01 -26.25 2.41
N CYS A 23 16.76 -26.83 1.48
CA CYS A 23 16.35 -26.79 0.09
C CYS A 23 15.15 -27.71 -0.09
N CYS A 24 14.10 -27.20 -0.69
CA CYS A 24 12.88 -27.99 -0.80
C CYS A 24 11.90 -27.28 -1.72
N ASP A 25 10.80 -27.97 -2.00
CA ASP A 25 9.63 -27.35 -2.59
C ASP A 25 8.68 -27.08 -1.44
N ILE A 26 8.46 -25.80 -1.15
CA ILE A 26 7.69 -25.46 0.03
C ILE A 26 6.25 -25.98 -0.06
N ARG A 27 5.81 -26.38 -1.26
CA ARG A 27 4.48 -26.98 -1.40
C ARG A 27 4.41 -28.34 -0.73
N TYR A 28 5.50 -29.09 -0.70
CA TYR A 28 5.46 -30.47 -0.25
C TYR A 28 6.19 -30.73 1.07
N LEU A 29 6.94 -29.76 1.58
CA LEU A 29 7.65 -29.97 2.83
C LEU A 29 6.65 -30.00 3.98
N ASP A 30 6.78 -31.03 4.82
CA ASP A 30 6.00 -31.14 6.04
C ASP A 30 6.60 -30.15 7.03
N VAL A 31 6.14 -28.91 6.98
CA VAL A 31 6.75 -27.86 7.82
C VAL A 31 6.40 -28.01 9.29
N SER A 32 5.56 -28.98 9.66
CA SER A 32 5.31 -29.25 11.06
C SER A 32 6.54 -29.74 11.79
N ILE A 33 7.56 -30.22 11.07
CA ILE A 33 8.77 -30.67 11.75
C ILE A 33 9.58 -29.52 12.32
N LEU A 34 9.25 -28.28 11.95
CA LEU A 34 10.09 -27.13 12.25
C LEU A 34 9.69 -26.41 13.55
N GLY A 35 8.56 -26.74 14.15
CA GLY A 35 8.16 -26.04 15.36
C GLY A 35 7.56 -24.67 15.09
N LYS A 36 7.58 -23.83 16.12
CA LYS A 36 6.87 -22.56 16.16
C LYS A 36 7.86 -21.40 16.08
N PHE A 37 7.44 -20.32 15.43
CA PHE A 37 8.32 -19.19 15.22
C PHE A 37 7.69 -17.89 15.69
N ALA A 38 8.51 -17.02 16.26
CA ALA A 38 8.01 -15.72 16.64
C ALA A 38 7.70 -14.85 15.42
N VAL A 39 8.41 -15.06 14.30
CA VAL A 39 8.19 -14.28 13.09
C VAL A 39 8.29 -15.19 11.87
N VAL A 40 7.36 -15.01 10.93
CA VAL A 40 7.46 -15.61 9.60
C VAL A 40 7.58 -14.49 8.58
N MET A 41 8.55 -14.61 7.67
CA MET A 41 8.64 -13.75 6.50
C MET A 41 8.58 -14.60 5.23
N ALA A 42 7.90 -14.08 4.21
CA ALA A 42 7.75 -14.78 2.95
C ALA A 42 7.84 -13.81 1.79
N ASP A 43 8.50 -14.23 0.72
CA ASP A 43 8.58 -13.46 -0.51
C ASP A 43 8.14 -14.38 -1.64
N PRO A 44 6.84 -14.71 -1.68
CA PRO A 44 6.39 -15.75 -2.59
C PRO A 44 6.53 -15.31 -4.02
N PRO A 45 6.74 -16.25 -4.94
CA PRO A 45 6.70 -15.96 -6.38
C PRO A 45 5.27 -16.01 -6.91
N TRP A 46 4.51 -14.99 -6.54
CA TRP A 46 3.12 -14.86 -6.97
C TRP A 46 3.02 -14.98 -8.49
N ASP A 47 1.93 -15.59 -8.94
CA ASP A 47 1.63 -15.68 -10.38
C ASP A 47 0.93 -14.40 -10.81
N ILE A 48 1.73 -13.36 -10.98
CA ILE A 48 1.22 -12.10 -11.52
C ILE A 48 1.45 -12.13 -13.01
N HIS A 49 0.49 -11.61 -13.78
CA HIS A 49 0.54 -11.79 -15.24
C HIS A 49 1.68 -11.00 -15.90
N PRO A 53 7.11 -16.16 -16.41
CA PRO A 53 8.44 -15.59 -16.66
C PRO A 53 9.60 -16.29 -15.94
N TYR A 54 9.43 -16.81 -14.72
CA TYR A 54 10.51 -17.57 -14.07
C TYR A 54 10.07 -18.36 -12.83
N GLY A 55 8.94 -19.08 -12.89
CA GLY A 55 8.62 -20.09 -11.89
C GLY A 55 7.78 -19.65 -10.70
N THR A 56 6.46 -19.81 -10.78
CA THR A 56 5.53 -19.25 -9.83
C THR A 56 4.68 -20.32 -9.16
N LEU A 57 3.89 -19.87 -8.17
CA LEU A 57 2.89 -20.67 -7.48
C LEU A 57 1.52 -20.13 -7.83
N THR A 58 0.56 -21.03 -8.04
CA THR A 58 -0.77 -20.60 -8.39
C THR A 58 -1.46 -20.05 -7.15
N ASP A 59 -2.50 -19.25 -7.39
CA ASP A 59 -3.28 -18.70 -6.28
C ASP A 59 -3.71 -19.79 -5.32
N ASP A 60 -4.10 -20.97 -5.83
CA ASP A 60 -4.59 -22.01 -4.94
C ASP A 60 -3.45 -22.66 -4.17
N GLU A 61 -2.28 -22.82 -4.79
CA GLU A 61 -1.12 -23.34 -4.08
C GLU A 61 -0.72 -22.39 -2.96
N MET A 62 -0.74 -21.08 -3.24
CA MET A 62 -0.44 -20.08 -2.22
C MET A 62 -1.43 -20.19 -1.05
N ARG A 63 -2.73 -20.28 -1.35
CA ARG A 63 -3.74 -20.45 -0.30
C ARG A 63 -3.50 -21.71 0.52
N ARG A 64 -3.05 -22.79 -0.13
CA ARG A 64 -2.96 -24.05 0.57
C ARG A 64 -1.68 -24.20 1.37
N LEU A 65 -0.71 -23.29 1.21
CA LEU A 65 0.50 -23.34 2.02
C LEU A 65 0.17 -23.52 3.49
N ASN A 66 0.86 -24.44 4.14
CA ASN A 66 0.54 -24.77 5.52
C ASN A 66 1.19 -23.76 6.46
N ILE A 67 0.99 -22.47 6.17
CA ILE A 67 1.45 -21.42 7.09
C ILE A 67 0.85 -21.56 8.48
N PRO A 68 -0.44 -21.90 8.67
CA PRO A 68 -1.02 -21.86 10.03
C PRO A 68 -0.29 -22.66 11.09
N VAL A 69 0.47 -23.69 10.74
CA VAL A 69 1.16 -24.43 11.80
C VAL A 69 2.43 -23.77 12.27
N LEU A 70 2.93 -22.78 11.53
CA LEU A 70 4.23 -22.19 11.85
C LEU A 70 4.19 -21.30 13.10
N GLN A 71 3.04 -20.76 13.48
CA GLN A 71 3.00 -19.86 14.63
C GLN A 71 1.78 -20.07 15.50
N ASP A 72 1.97 -19.80 16.79
CA ASP A 72 0.88 -19.59 17.74
C ASP A 72 0.62 -18.12 17.99
N ASP A 73 1.68 -17.35 18.26
CA ASP A 73 1.57 -15.93 18.58
C ASP A 73 2.76 -15.21 17.96
N GLY A 74 2.50 -14.39 16.94
CA GLY A 74 3.58 -13.62 16.38
C GLY A 74 3.17 -12.94 15.09
N PHE A 75 4.19 -12.57 14.31
CA PHE A 75 4.02 -11.69 13.18
C PHE A 75 4.44 -12.41 11.91
N LEU A 76 3.70 -12.12 10.84
CA LEU A 76 4.01 -12.55 9.49
C LEU A 76 4.40 -11.33 8.66
N PHE A 77 5.44 -11.46 7.84
CA PHE A 77 5.88 -10.41 6.92
C PHE A 77 5.77 -10.93 5.50
N LEU A 78 4.91 -10.31 4.69
CA LEU A 78 4.51 -10.88 3.40
C LEU A 78 4.70 -9.86 2.29
N TRP A 79 5.77 -10.03 1.52
CA TRP A 79 6.00 -9.15 0.37
C TRP A 79 4.92 -9.34 -0.68
N VAL A 80 4.51 -8.24 -1.31
CA VAL A 80 3.47 -8.26 -2.34
C VAL A 80 3.79 -7.22 -3.39
N THR A 81 3.26 -7.45 -4.58
CA THR A 81 3.34 -6.51 -5.68
C THR A 81 2.11 -6.77 -6.55
N GLY A 82 1.73 -5.78 -7.34
CA GLY A 82 0.67 -6.00 -8.32
C GLY A 82 -0.60 -6.52 -7.70
N ARG A 83 -1.19 -7.55 -8.31
CA ARG A 83 -2.45 -8.05 -7.76
C ARG A 83 -2.25 -8.89 -6.51
N ALA A 84 -1.01 -9.27 -6.20
CA ALA A 84 -0.73 -9.88 -4.91
C ALA A 84 -1.00 -8.93 -3.74
N MET A 85 -1.12 -7.62 -3.99
CA MET A 85 -1.52 -6.75 -2.89
C MET A 85 -2.89 -7.19 -2.36
N GLU A 86 -3.77 -7.57 -3.26
CA GLU A 86 -5.09 -8.07 -2.84
C GLU A 86 -5.00 -9.55 -2.49
N LEU A 87 -4.37 -10.37 -3.34
CA LEU A 87 -4.31 -11.80 -3.06
C LEU A 87 -3.55 -12.07 -1.78
N GLY A 88 -2.42 -11.38 -1.57
CA GLY A 88 -1.67 -11.54 -0.33
C GLY A 88 -2.48 -11.20 0.90
N ARG A 89 -3.45 -10.30 0.76
CA ARG A 89 -4.32 -10.02 1.89
C ARG A 89 -5.26 -11.19 2.12
N GLU A 90 -5.71 -11.82 1.03
CA GLU A 90 -6.54 -13.02 1.14
C GLU A 90 -5.79 -14.11 1.88
N CYS A 91 -4.63 -14.51 1.36
CA CYS A 91 -3.83 -15.53 2.02
C CYS A 91 -3.58 -15.16 3.47
N LEU A 92 -3.19 -13.92 3.70
CA LEU A 92 -2.88 -13.47 5.05
C LEU A 92 -4.07 -13.74 5.98
N ASN A 93 -5.28 -13.38 5.53
CA ASN A 93 -6.46 -13.63 6.36
C ASN A 93 -6.79 -15.12 6.42
N LEU A 94 -6.75 -15.81 5.27
CA LEU A 94 -7.03 -17.24 5.28
C LEU A 94 -6.11 -17.96 6.25
N TRP A 95 -4.83 -17.60 6.26
CA TRP A 95 -3.88 -18.25 7.13
C TRP A 95 -4.10 -17.95 8.60
N GLY A 96 -4.95 -16.99 8.93
CA GLY A 96 -5.31 -16.69 10.31
C GLY A 96 -4.72 -15.42 10.88
N TYR A 97 -4.22 -14.51 10.04
CA TYR A 97 -3.58 -13.29 10.50
C TYR A 97 -4.49 -12.10 10.29
N GLU A 98 -4.26 -11.05 11.07
CA GLU A 98 -4.86 -9.74 10.83
C GLU A 98 -3.74 -8.82 10.34
N ARG A 99 -3.97 -8.10 9.24
CA ARG A 99 -2.93 -7.18 8.78
C ARG A 99 -2.95 -5.95 9.66
N VAL A 100 -1.87 -5.72 10.41
CA VAL A 100 -1.76 -4.60 11.33
C VAL A 100 -0.73 -3.56 10.88
N ASP A 101 0.01 -3.81 9.81
CA ASP A 101 0.93 -2.78 9.33
C ASP A 101 1.31 -3.12 7.92
N GLU A 102 1.98 -2.17 7.26
CA GLU A 102 2.37 -2.37 5.88
C GLU A 102 3.66 -1.59 5.70
N ILE A 103 4.74 -2.29 5.47
CA ILE A 103 6.05 -1.68 5.28
C ILE A 103 6.21 -1.33 3.82
N ILE A 104 6.83 -0.18 3.56
CA ILE A 104 7.11 0.28 2.21
C ILE A 104 8.63 0.38 2.06
N TRP A 105 9.18 -0.34 1.09
CA TRP A 105 10.59 -0.21 0.75
C TRP A 105 10.71 0.76 -0.42
N VAL A 106 11.29 1.93 -0.17
CA VAL A 106 11.60 2.87 -1.24
C VAL A 106 12.91 2.45 -1.88
N LYS A 107 12.85 2.14 -3.18
CA LYS A 107 14.00 1.59 -3.90
C LYS A 107 14.85 2.74 -4.44
N THR A 108 16.10 2.81 -4.01
CA THR A 108 17.01 3.86 -4.44
C THR A 108 18.22 3.24 -5.16
N ASN A 109 19.02 4.11 -5.81
CA ASN A 109 20.32 3.71 -6.34
C ASN A 109 21.41 4.01 -5.30
N GLN A 110 22.67 3.96 -5.73
CA GLN A 110 23.75 4.17 -4.78
C GLN A 110 23.89 5.64 -4.38
N LEU A 111 23.15 6.55 -5.01
CA LEU A 111 23.13 7.96 -4.64
C LEU A 111 21.81 8.40 -4.04
N GLN A 112 21.07 7.46 -3.44
CA GLN A 112 19.86 7.74 -2.67
C GLN A 112 18.78 8.45 -3.49
N ARG A 113 18.81 8.29 -4.81
CA ARG A 113 17.75 8.76 -5.69
C ARG A 113 16.81 7.60 -6.01
N ILE A 114 15.51 7.87 -6.01
CA ILE A 114 14.53 6.84 -6.30
C ILE A 114 14.74 6.31 -7.71
N ILE A 115 14.60 5.00 -7.87
CA ILE A 115 14.69 4.38 -9.17
C ILE A 115 13.42 4.66 -10.00
N HIS A 122 1.68 0.28 -14.48
CA HIS A 122 1.11 0.62 -15.79
C HIS A 122 0.85 2.13 -15.94
N TRP A 123 0.06 2.70 -15.02
CA TRP A 123 -0.22 4.13 -15.06
C TRP A 123 0.91 4.96 -14.46
N LEU A 124 1.63 4.39 -13.51
CA LEU A 124 2.63 5.11 -12.75
C LEU A 124 3.88 4.27 -12.67
N ASN A 125 5.02 4.95 -12.65
CA ASN A 125 6.27 4.29 -12.35
C ASN A 125 6.27 3.89 -10.89
N HIS A 126 6.84 2.72 -10.60
CA HIS A 126 6.82 2.17 -9.25
C HIS A 126 8.16 2.42 -8.57
N GLY A 127 8.12 3.20 -7.50
CA GLY A 127 9.32 3.51 -6.72
C GLY A 127 9.50 2.65 -5.49
N LYS A 128 8.61 1.69 -5.27
CA LYS A 128 8.57 0.99 -4.00
C LYS A 128 8.06 -0.44 -4.19
N GLU A 129 8.22 -1.22 -3.13
CA GLU A 129 7.54 -2.48 -2.98
C GLU A 129 6.92 -2.52 -1.59
N HIS A 130 5.97 -3.44 -1.41
CA HIS A 130 5.14 -3.47 -0.22
C HIS A 130 5.39 -4.75 0.55
N CYS A 131 5.34 -4.64 1.87
CA CYS A 131 5.45 -5.81 2.74
C CYS A 131 4.33 -5.76 3.78
N LEU A 132 3.34 -6.62 3.63
CA LEU A 132 2.24 -6.64 4.58
C LEU A 132 2.72 -7.28 5.89
N VAL A 133 2.25 -6.72 7.00
CA VAL A 133 2.55 -7.20 8.35
C VAL A 133 1.27 -7.75 8.96
N GLY A 134 1.24 -9.06 9.18
CA GLY A 134 0.12 -9.71 9.84
C GLY A 134 0.49 -10.07 11.27
N VAL A 135 -0.51 -10.02 12.14
CA VAL A 135 -0.38 -10.50 13.51
C VAL A 135 -1.30 -11.71 13.65
N LYS A 136 -0.86 -12.67 14.46
CA LYS A 136 -1.64 -13.86 14.79
C LYS A 136 -1.55 -14.10 16.28
N GLY A 137 -2.69 -14.47 16.88
CA GLY A 137 -2.69 -14.75 18.29
C GLY A 137 -2.52 -13.46 19.05
N ASN A 138 -1.80 -13.55 20.17
CA ASN A 138 -1.43 -12.36 20.92
C ASN A 138 0.04 -12.43 21.28
N PRO A 139 0.90 -11.74 20.53
CA PRO A 139 2.32 -11.74 20.88
C PRO A 139 2.58 -10.84 22.09
N GLN A 140 3.51 -11.28 22.91
CA GLN A 140 3.88 -10.52 24.10
C GLN A 140 5.40 -10.36 24.12
N GLY A 141 5.83 -9.20 24.59
CA GLY A 141 7.25 -8.95 24.71
C GLY A 141 7.92 -8.68 23.39
N PHE A 142 7.19 -8.20 22.41
CA PHE A 142 7.81 -7.64 21.23
C PHE A 142 7.97 -6.14 21.45
N ASN A 143 9.03 -5.58 20.88
CA ASN A 143 9.31 -4.16 21.03
C ASN A 143 8.64 -3.37 19.91
N GLN A 144 7.32 -3.36 19.97
CA GLN A 144 6.56 -2.64 18.96
C GLN A 144 6.94 -1.17 18.98
N GLY A 145 7.03 -0.57 17.80
CA GLY A 145 7.26 0.86 17.68
C GLY A 145 8.70 1.35 17.68
N LEU A 146 9.69 0.46 17.56
CA LEU A 146 11.07 0.93 17.49
C LEU A 146 11.42 1.41 16.10
N ASP A 147 10.95 0.74 15.07
CA ASP A 147 11.25 1.15 13.70
C ASP A 147 10.02 1.79 13.07
N CYS A 148 10.23 2.50 11.98
CA CYS A 148 9.11 3.09 11.28
C CYS A 148 8.83 2.28 10.02
N ASP A 149 7.66 2.51 9.42
CA ASP A 149 7.20 1.60 8.38
C ASP A 149 7.72 1.94 7.00
N VAL A 150 8.81 2.69 6.89
CA VAL A 150 9.41 2.99 5.60
C VAL A 150 10.86 2.53 5.61
N ILE A 151 11.24 1.79 4.60
CA ILE A 151 12.63 1.40 4.39
C ILE A 151 13.15 2.20 3.21
N VAL A 152 14.38 2.70 3.33
CA VAL A 152 15.04 3.34 2.21
C VAL A 152 16.36 2.61 2.03
N ALA A 153 16.51 1.94 0.89
CA ALA A 153 17.65 1.05 0.76
C ALA A 153 17.88 0.77 -0.73
N GLU A 154 19.10 0.36 -1.02
CA GLU A 154 19.57 0.22 -2.39
C GLU A 154 18.99 -1.04 -3.04
N VAL A 155 18.49 -0.89 -4.26
CA VAL A 155 18.17 -2.02 -5.12
C VAL A 155 19.44 -2.83 -5.39
N ARG A 156 19.35 -4.15 -5.21
CA ARG A 156 20.41 -5.06 -5.65
C ARG A 156 19.90 -5.91 -6.81
N SER A 157 20.29 -7.18 -6.88
CA SER A 157 19.80 -8.03 -7.96
C SER A 157 18.29 -8.12 -7.95
N THR A 158 17.71 -8.39 -9.12
CA THR A 158 16.26 -8.49 -9.24
C THR A 158 15.70 -9.40 -8.18
N SER A 159 14.63 -8.94 -7.52
CA SER A 159 13.89 -9.62 -6.45
C SER A 159 14.66 -9.66 -5.16
N HIS A 160 15.88 -9.14 -5.08
CA HIS A 160 16.62 -9.29 -3.84
C HIS A 160 16.12 -8.23 -2.88
N LYS A 161 15.42 -8.67 -1.82
CA LYS A 161 14.82 -7.76 -0.86
C LYS A 161 15.89 -7.20 0.09
N PRO A 162 15.63 -6.04 0.70
CA PRO A 162 16.68 -5.34 1.46
C PRO A 162 17.00 -6.03 2.78
N ASP A 163 18.28 -6.01 3.16
CA ASP A 163 18.67 -6.64 4.42
C ASP A 163 18.18 -5.88 5.64
N GLU A 164 17.85 -4.59 5.51
CA GLU A 164 17.36 -3.84 6.66
C GLU A 164 16.18 -4.55 7.35
N ILE A 165 15.37 -5.30 6.59
CA ILE A 165 14.21 -5.97 7.18
C ILE A 165 14.63 -6.93 8.30
N TYR A 166 15.84 -7.50 8.21
CA TYR A 166 16.29 -8.41 9.27
C TYR A 166 16.62 -7.65 10.55
N GLY A 167 17.20 -6.45 10.45
CA GLY A 167 17.43 -5.66 11.63
C GLY A 167 16.14 -5.18 12.28
N MET A 168 15.17 -4.75 11.47
CA MET A 168 13.87 -4.37 12.00
C MET A 168 13.22 -5.55 12.73
N ILE A 169 13.29 -6.73 12.10
CA ILE A 169 12.68 -7.92 12.65
C ILE A 169 13.41 -8.37 13.92
N GLU A 170 14.73 -8.19 13.96
CA GLU A 170 15.50 -8.55 15.15
C GLU A 170 15.24 -7.59 16.31
N ARG A 171 15.16 -6.28 16.05
CA ARG A 171 14.84 -5.39 17.14
C ARG A 171 13.43 -5.64 17.65
N LEU A 172 12.52 -5.99 16.75
CA LEU A 172 11.14 -6.20 17.17
C LEU A 172 11.02 -7.44 18.04
N SER A 173 11.79 -8.48 17.73
CA SER A 173 11.72 -9.75 18.44
C SER A 173 13.13 -10.30 18.56
N PRO A 174 13.93 -9.77 19.48
CA PRO A 174 15.33 -10.20 19.61
C PRO A 174 15.46 -11.61 20.12
N GLY A 175 16.43 -12.33 19.55
CA GLY A 175 16.76 -13.68 19.93
C GLY A 175 15.72 -14.78 19.74
N THR A 176 14.57 -14.50 19.12
CA THR A 176 13.56 -15.54 18.94
C THR A 176 13.78 -16.31 17.63
N ARG A 177 13.10 -17.45 17.49
CA ARG A 177 13.17 -18.22 16.25
C ARG A 177 12.36 -17.55 15.14
N LYS A 178 12.88 -17.62 13.93
CA LYS A 178 12.27 -16.97 12.78
C LYS A 178 12.44 -17.88 11.57
N ILE A 179 11.52 -17.78 10.61
CA ILE A 179 11.58 -18.62 9.44
C ILE A 179 11.25 -17.79 8.21
N GLU A 180 12.07 -17.91 7.19
CA GLU A 180 11.84 -17.27 5.89
C GLU A 180 11.42 -18.33 4.89
N LEU A 181 10.37 -18.04 4.15
CA LEU A 181 9.92 -18.88 3.05
C LEU A 181 10.32 -18.23 1.74
N PHE A 182 10.78 -19.07 0.80
CA PHE A 182 11.25 -18.65 -0.51
C PHE A 182 12.50 -17.79 -0.40
N GLY A 183 13.36 -18.10 0.56
CA GLY A 183 14.66 -17.45 0.61
C GLY A 183 15.64 -18.07 -0.38
N ARG A 184 16.56 -17.24 -0.84
CA ARG A 184 17.71 -17.66 -1.60
C ARG A 184 18.91 -17.72 -0.69
N PRO A 185 20.05 -18.27 -1.17
CA PRO A 185 21.21 -18.42 -0.27
C PRO A 185 21.61 -17.14 0.44
N HIS A 186 21.53 -15.99 -0.23
CA HIS A 186 21.92 -14.74 0.43
C HIS A 186 20.93 -14.30 1.51
N ASN A 187 19.78 -14.96 1.64
CA ASN A 187 18.80 -14.60 2.66
C ASN A 187 19.08 -15.24 4.01
N VAL A 188 20.00 -16.20 4.09
CA VAL A 188 20.18 -16.94 5.34
C VAL A 188 20.79 -16.02 6.38
N GLN A 189 20.24 -16.05 7.60
CA GLN A 189 20.65 -15.18 8.70
C GLN A 189 20.66 -15.97 10.00
N PRO A 190 21.42 -15.52 11.00
CA PRO A 190 21.31 -16.13 12.33
C PRO A 190 19.90 -15.97 12.87
N ASN A 191 19.51 -16.92 13.73
CA ASN A 191 18.17 -17.08 14.31
C ASN A 191 17.10 -17.38 13.28
N TRP A 192 17.44 -17.51 11.99
CA TRP A 192 16.46 -17.80 10.96
C TRP A 192 16.64 -19.21 10.40
N ILE A 193 15.54 -19.80 9.96
CA ILE A 193 15.56 -21.02 9.17
C ILE A 193 15.04 -20.65 7.79
N THR A 194 15.83 -20.86 6.75
CA THR A 194 15.43 -20.43 5.42
C THR A 194 14.98 -21.63 4.60
N LEU A 195 13.81 -21.52 3.99
CA LEU A 195 13.32 -22.54 3.06
C LEU A 195 13.25 -21.92 1.68
N GLY A 196 13.67 -22.68 0.68
CA GLY A 196 13.65 -22.20 -0.70
C GLY A 196 14.19 -23.30 -1.59
N ASN A 197 13.82 -23.22 -2.86
CA ASN A 197 14.25 -24.27 -3.79
C ASN A 197 15.55 -23.93 -4.51
N GLN A 198 16.17 -22.79 -4.21
CA GLN A 198 17.49 -22.48 -4.73
C GLN A 198 18.55 -22.48 -3.63
N LEU A 199 18.24 -23.00 -2.46
CA LEU A 199 19.26 -23.19 -1.44
C LEU A 199 20.09 -24.42 -1.76
N ASP A 200 21.23 -24.54 -1.11
CA ASP A 200 22.15 -25.63 -1.38
C ASP A 200 21.99 -26.67 -0.28
N GLY A 201 21.15 -27.67 -0.53
CA GLY A 201 21.09 -28.77 0.40
C GLY A 201 20.31 -28.46 1.65
N ILE A 202 20.66 -29.15 2.73
CA ILE A 202 19.95 -29.08 4.00
C ILE A 202 20.98 -28.87 5.11
N HIS A 203 20.87 -27.74 5.82
CA HIS A 203 21.81 -27.37 6.88
C HIS A 203 21.06 -27.06 8.17
N LEU A 204 20.98 -28.02 9.08
CA LEU A 204 20.18 -27.91 10.29
C LEU A 204 21.04 -28.17 11.51
N LEU A 205 20.87 -27.34 12.55
CA LEU A 205 21.72 -27.44 13.73
C LEU A 205 20.90 -27.55 15.00
N ASP A 206 19.72 -26.94 15.02
CA ASP A 206 18.83 -27.11 16.16
C ASP A 206 18.54 -28.60 16.34
N PRO A 207 18.97 -29.20 17.45
CA PRO A 207 18.79 -30.66 17.61
C PRO A 207 17.33 -31.08 17.57
N ASP A 208 16.43 -30.32 18.20
CA ASP A 208 15.01 -30.64 18.13
C ASP A 208 14.55 -30.75 16.68
N VAL A 209 14.97 -29.81 15.83
CA VAL A 209 14.62 -29.86 14.42
C VAL A 209 15.28 -31.06 13.74
N VAL A 210 16.58 -31.26 14.02
CA VAL A 210 17.31 -32.38 13.42
C VAL A 210 16.60 -33.70 13.74
N ALA A 211 16.18 -33.87 14.99
CA ALA A 211 15.44 -35.06 15.39
C ALA A 211 14.11 -35.18 14.66
N ARG A 212 13.33 -34.10 14.58
CA ARG A 212 12.04 -34.21 13.92
C ARG A 212 12.22 -34.40 12.42
N PHE A 213 13.32 -33.91 11.85
CA PHE A 213 13.56 -34.09 10.42
C PHE A 213 13.95 -35.52 10.11
N LYS A 214 14.77 -36.15 10.95
CA LYS A 214 15.16 -37.53 10.72
C LYS A 214 13.98 -38.48 10.91
N GLN A 215 13.09 -38.19 11.86
CA GLN A 215 11.89 -39.00 12.04
C GLN A 215 11.04 -38.98 10.78
N ARG A 216 10.68 -37.78 10.30
CA ARG A 216 9.81 -37.61 9.15
C ARG A 216 10.51 -37.98 7.85
N TYR A 217 11.81 -37.72 7.76
CA TYR A 217 12.58 -37.96 6.54
C TYR A 217 13.82 -38.79 6.87
N PRO A 218 13.65 -40.08 7.17
CA PRO A 218 14.83 -40.92 7.46
C PRO A 218 15.81 -41.03 6.29
N ASP A 219 15.32 -41.31 5.08
CA ASP A 219 16.23 -41.44 3.95
C ASP A 219 16.55 -40.11 3.27
N GLY A 220 16.06 -38.99 3.80
CA GLY A 220 16.34 -37.69 3.22
C GLY A 220 15.45 -37.33 2.04
N ILE A 221 14.60 -36.30 2.23
CA ILE A 221 13.77 -35.68 1.18
C ILE A 221 12.56 -36.55 0.82
N ILE A 222 11.47 -35.89 0.39
CA ILE A 222 10.28 -36.58 -0.12
C ILE A 222 9.42 -35.61 -0.93
N SER A 223 8.26 -36.06 -1.40
CA SER A 223 7.31 -35.25 -2.16
C SER A 223 5.91 -35.43 -1.59
N LYS A 224 4.93 -34.80 -2.23
CA LYS A 224 3.53 -34.78 -1.81
C LYS A 224 3.36 -34.70 -0.28
N ASN B 12 24.84 2.00 4.46
CA ASN B 12 24.24 2.71 5.58
C ASN B 12 22.81 2.24 5.85
N ASP B 13 22.58 1.74 7.06
CA ASP B 13 21.26 1.27 7.47
C ASP B 13 20.48 2.45 8.03
N TYR B 14 19.50 2.95 7.25
CA TYR B 14 18.67 4.06 7.69
C TYR B 14 17.62 3.66 8.71
N CYS B 15 17.26 2.37 8.78
CA CYS B 15 16.37 1.93 9.84
C CYS B 15 17.07 2.03 11.19
N GLN B 16 18.29 1.50 11.28
CA GLN B 16 19.09 1.66 12.49
C GLN B 16 19.31 3.13 12.79
N HIS B 17 19.60 3.93 11.76
CA HIS B 17 19.81 5.36 12.00
C HIS B 17 18.57 6.00 12.61
N PHE B 18 17.38 5.60 12.19
CA PHE B 18 16.18 6.17 12.78
C PHE B 18 16.02 5.73 14.23
N VAL B 19 16.39 4.49 14.54
CA VAL B 19 16.34 4.06 15.93
C VAL B 19 17.34 4.88 16.77
N ASP B 20 18.49 5.20 16.19
CA ASP B 20 19.51 5.96 16.92
C ASP B 20 19.11 7.43 17.09
N THR B 21 18.57 8.04 16.04
CA THR B 21 18.45 9.50 15.99
C THR B 21 17.05 10.02 15.80
N GLY B 22 16.10 9.21 15.36
CA GLY B 22 14.75 9.67 15.11
C GLY B 22 14.52 10.29 13.75
N HIS B 23 15.59 10.49 12.98
CA HIS B 23 15.45 10.91 11.59
C HIS B 23 14.92 9.74 10.76
N ARG B 24 13.75 9.94 10.16
CA ARG B 24 13.13 8.88 9.39
C ARG B 24 13.99 8.54 8.18
N PRO B 25 14.01 7.28 7.76
CA PRO B 25 14.78 6.92 6.56
C PRO B 25 14.44 7.78 5.35
N GLN B 26 13.18 8.24 5.23
CA GLN B 26 12.80 9.03 4.07
C GLN B 26 13.41 10.43 4.09
N ASN B 27 13.89 10.89 5.25
CA ASN B 27 14.58 12.17 5.31
C ASN B 27 15.78 12.22 4.36
N PHE B 28 16.32 11.06 3.98
CA PHE B 28 17.59 11.03 3.26
C PHE B 28 17.42 10.69 1.79
N ILE B 29 16.19 10.58 1.29
CA ILE B 29 16.00 10.47 -0.15
C ILE B 29 16.35 11.81 -0.78
N ARG B 30 17.24 11.78 -1.75
CA ARG B 30 17.66 13.00 -2.44
C ARG B 30 16.72 13.29 -3.61
N ASP B 31 16.50 14.58 -3.86
CA ASP B 31 15.79 15.06 -5.06
C ASP B 31 14.41 14.46 -5.23
N ILE B 48 7.16 18.65 -20.02
CA ILE B 48 6.05 18.47 -19.09
C ILE B 48 5.29 19.79 -18.91
N ARG B 49 5.97 20.91 -19.17
CA ARG B 49 5.34 22.20 -18.92
C ARG B 49 4.16 22.43 -19.85
N LEU B 50 4.33 22.13 -21.15
CA LEU B 50 3.23 22.34 -22.10
C LEU B 50 1.98 21.58 -21.67
N LYS B 51 2.16 20.36 -21.14
CA LYS B 51 1.04 19.56 -20.68
C LYS B 51 0.23 20.31 -19.61
N ASP B 52 0.90 20.81 -18.57
CA ASP B 52 0.19 21.61 -17.55
C ASP B 52 -0.56 22.77 -18.17
N GLU B 53 -0.03 23.37 -19.24
CA GLU B 53 -0.71 24.48 -19.89
C GLU B 53 -2.00 24.02 -20.57
N LEU B 54 -1.95 22.88 -21.27
CA LEU B 54 -3.17 22.34 -21.87
C LEU B 54 -4.17 21.91 -20.80
N ILE B 55 -3.68 21.39 -19.68
CA ILE B 55 -4.59 21.07 -18.58
C ILE B 55 -5.27 22.33 -18.10
N ALA B 56 -4.52 23.43 -17.96
CA ALA B 56 -5.09 24.67 -17.41
C ALA B 56 -6.06 25.32 -18.39
N LYS B 57 -5.75 25.31 -19.68
CA LYS B 57 -6.70 25.86 -20.64
C LYS B 57 -7.99 25.05 -20.65
N SER B 58 -7.86 23.72 -20.63
CA SER B 58 -9.01 22.83 -20.65
C SER B 58 -9.86 22.91 -19.38
N ASN B 59 -9.31 23.41 -18.26
CA ASN B 59 -10.00 23.28 -16.98
C ASN B 59 -11.31 24.06 -16.95
N THR B 60 -12.37 23.39 -16.53
CA THR B 60 -13.63 24.05 -16.20
C THR B 60 -13.40 25.04 -15.05
N PRO B 61 -14.19 26.09 -14.98
CA PRO B 61 -14.16 26.95 -13.79
C PRO B 61 -14.36 26.11 -12.53
N PRO B 62 -13.72 26.50 -11.44
CA PRO B 62 -13.95 25.74 -10.20
C PRO B 62 -15.41 25.82 -9.80
N MET B 63 -15.95 24.68 -9.40
CA MET B 63 -17.31 24.63 -8.88
C MET B 63 -17.30 23.87 -7.56
N TYR B 64 -18.18 24.27 -6.66
CA TYR B 64 -18.11 23.80 -5.30
C TYR B 64 -19.52 23.85 -4.76
N LEU B 65 -19.76 23.01 -3.75
CA LEU B 65 -21.10 22.86 -3.17
C LEU B 65 -20.97 22.40 -1.74
N GLN B 66 -21.48 23.18 -0.80
CA GLN B 66 -21.62 22.72 0.57
C GLN B 66 -22.71 21.65 0.61
N ALA B 67 -22.36 20.47 1.14
CA ALA B 67 -23.36 19.41 1.34
C ALA B 67 -22.87 18.52 2.47
N ASP B 68 -23.76 18.25 3.42
CA ASP B 68 -23.48 17.23 4.41
C ASP B 68 -23.72 15.88 3.76
N ILE B 69 -22.64 15.14 3.51
CA ILE B 69 -22.69 14.01 2.58
C ILE B 69 -23.40 12.81 3.18
N GLU B 70 -23.44 12.69 4.51
CA GLU B 70 -24.21 11.62 5.13
C GLU B 70 -25.69 11.76 4.82
N ALA B 71 -26.19 13.00 4.75
CA ALA B 71 -27.60 13.28 4.62
C ALA B 71 -28.01 13.56 3.17
N PHE B 72 -27.06 13.54 2.26
CA PHE B 72 -27.23 14.14 0.96
C PHE B 72 -27.30 13.03 -0.09
N ASP B 73 -28.21 13.20 -1.04
CA ASP B 73 -28.41 12.23 -2.10
C ASP B 73 -27.44 12.55 -3.22
N ILE B 74 -26.32 11.82 -3.28
CA ILE B 74 -25.28 12.11 -4.27
C ILE B 74 -25.80 12.02 -5.69
N ARG B 75 -26.95 11.39 -5.91
CA ARG B 75 -27.49 11.34 -7.25
C ARG B 75 -27.72 12.74 -7.82
N GLU B 76 -27.97 13.73 -6.94
CA GLU B 76 -28.10 15.11 -7.40
C GLU B 76 -26.83 15.64 -8.03
N LEU B 77 -25.70 14.96 -7.84
CA LEU B 77 -24.44 15.37 -8.44
C LEU B 77 -24.38 14.73 -9.82
N THR B 78 -24.67 15.52 -10.84
CA THR B 78 -24.60 15.09 -12.23
C THR B 78 -23.73 16.06 -13.01
N PRO B 79 -23.21 15.63 -14.18
CA PRO B 79 -23.33 14.31 -14.83
C PRO B 79 -22.44 13.28 -14.16
N LYS B 80 -22.31 12.08 -14.73
CA LYS B 80 -21.46 11.07 -14.12
C LYS B 80 -20.02 11.49 -14.29
N PHE B 81 -19.19 11.19 -13.29
CA PHE B 81 -17.84 11.76 -13.24
C PHE B 81 -16.81 10.84 -13.87
N ASP B 82 -15.80 11.45 -14.50
CA ASP B 82 -14.67 10.69 -15.03
C ASP B 82 -13.66 10.35 -13.94
N VAL B 83 -13.50 11.23 -12.95
CA VAL B 83 -12.54 11.06 -11.87
C VAL B 83 -13.23 11.44 -10.57
N ILE B 84 -13.10 10.58 -9.55
CA ILE B 84 -13.60 10.90 -8.22
C ILE B 84 -12.43 10.82 -7.25
N LEU B 85 -12.25 11.87 -6.46
CA LEU B 85 -11.22 11.96 -5.44
C LEU B 85 -11.95 12.01 -4.11
N LEU B 86 -11.68 11.05 -3.26
CA LEU B 86 -12.53 10.81 -2.11
C LEU B 86 -11.64 10.86 -0.90
N GLU B 87 -11.97 11.76 0.03
CA GLU B 87 -11.05 12.16 1.10
C GLU B 87 -11.82 12.28 2.40
N PRO B 88 -12.45 11.18 2.83
CA PRO B 88 -13.31 11.25 4.03
C PRO B 88 -12.45 11.51 5.25
N PRO B 89 -12.97 12.23 6.25
CA PRO B 89 -12.16 12.58 7.42
C PRO B 89 -12.12 11.47 8.45
N LEU B 90 -11.02 10.71 8.46
CA LEU B 90 -10.90 9.54 9.31
C LEU B 90 -10.56 9.96 10.73
N GLU B 91 -11.09 9.20 11.70
CA GLU B 91 -10.74 9.44 13.10
C GLU B 91 -9.24 9.57 13.29
N GLU B 92 -8.47 8.74 12.57
CA GLU B 92 -7.04 8.67 12.81
C GLU B 92 -6.29 9.94 12.40
N TYR B 93 -6.90 10.79 11.57
CA TYR B 93 -6.26 12.04 11.19
C TYR B 93 -6.20 13.02 12.36
N TYR B 94 -7.08 12.86 13.34
CA TYR B 94 -7.17 13.71 14.52
C TYR B 94 -6.61 12.93 15.71
N ARG B 95 -5.36 13.21 16.04
CA ARG B 95 -4.70 12.57 17.17
C ARG B 95 -4.66 13.51 18.37
N LYS B 104 -16.99 16.27 12.47
CA LYS B 104 -17.51 14.90 12.33
C LYS B 104 -16.48 14.01 11.63
N CYS B 105 -16.18 12.87 12.25
CA CYS B 105 -15.26 11.89 11.69
C CYS B 105 -16.06 10.78 11.02
N TRP B 106 -15.56 10.27 9.91
CA TRP B 106 -16.24 9.21 9.18
C TRP B 106 -15.54 7.88 9.46
N THR B 107 -16.33 6.87 9.83
CA THR B 107 -15.81 5.51 9.95
C THR B 107 -15.83 4.83 8.60
N TRP B 108 -15.15 3.71 8.51
CA TRP B 108 -15.21 2.98 7.25
C TRP B 108 -16.60 2.43 6.99
N ASP B 109 -17.37 2.26 8.07
CA ASP B 109 -18.78 1.89 7.98
C ASP B 109 -19.57 2.94 7.20
N ASP B 110 -19.39 4.23 7.52
CA ASP B 110 -20.07 5.30 6.80
C ASP B 110 -19.59 5.37 5.36
N ILE B 111 -18.28 5.31 5.17
CA ILE B 111 -17.74 5.48 3.83
C ILE B 111 -18.27 4.40 2.90
N MET B 112 -18.20 3.16 3.38
CA MET B 112 -18.56 2.01 2.57
C MET B 112 -20.02 2.09 2.11
N LYS B 113 -20.87 2.80 2.86
CA LYS B 113 -22.27 2.95 2.49
C LYS B 113 -22.52 4.07 1.49
N LEU B 114 -21.47 4.81 1.10
CA LEU B 114 -21.64 5.82 0.07
C LEU B 114 -21.95 5.18 -1.28
N GLU B 115 -22.90 5.76 -1.99
CA GLU B 115 -23.31 5.18 -3.26
C GLU B 115 -22.46 5.72 -4.41
N ILE B 116 -21.14 5.57 -4.29
CA ILE B 116 -20.24 6.15 -5.28
C ILE B 116 -20.56 5.64 -6.68
N ASP B 117 -20.98 4.37 -6.80
CA ASP B 117 -21.19 3.77 -8.11
C ASP B 117 -22.35 4.39 -8.87
N GLU B 118 -23.20 5.14 -8.18
CA GLU B 118 -24.32 5.80 -8.85
C GLU B 118 -23.92 7.10 -9.54
N ILE B 119 -22.71 7.60 -9.31
CA ILE B 119 -22.28 8.85 -9.92
C ILE B 119 -21.00 8.70 -10.73
N ALA B 120 -20.47 7.49 -10.84
CA ALA B 120 -19.24 7.27 -11.58
C ALA B 120 -19.57 6.90 -13.02
N ALA B 121 -18.89 7.53 -13.97
CA ALA B 121 -19.12 7.19 -15.36
C ALA B 121 -18.73 5.72 -15.58
N PRO B 122 -19.35 5.06 -16.57
CA PRO B 122 -19.07 3.61 -16.77
C PRO B 122 -17.59 3.29 -16.88
N ARG B 123 -16.82 4.10 -17.61
CA ARG B 123 -15.37 4.11 -17.48
C ARG B 123 -15.01 5.34 -16.68
N SER B 124 -14.30 5.14 -15.56
CA SER B 124 -14.00 6.23 -14.65
C SER B 124 -12.95 5.75 -13.66
N PHE B 125 -12.44 6.68 -12.88
CA PHE B 125 -11.35 6.44 -11.96
C PHE B 125 -11.70 6.99 -10.59
N ILE B 126 -11.13 6.37 -9.55
CA ILE B 126 -11.29 6.85 -8.19
C ILE B 126 -9.91 6.94 -7.55
N PHE B 127 -9.75 7.94 -6.68
CA PHE B 127 -8.56 8.07 -5.84
C PHE B 127 -9.07 8.21 -4.44
N LEU B 128 -8.78 7.22 -3.62
CA LEU B 128 -9.33 7.10 -2.29
C LEU B 128 -8.19 7.18 -1.29
N TRP B 129 -8.25 8.20 -0.42
CA TRP B 129 -7.32 8.35 0.69
C TRP B 129 -7.73 7.41 1.82
N CYS B 130 -6.82 6.51 2.23
CA CYS B 130 -7.15 5.39 3.10
C CYS B 130 -6.41 5.45 4.42
N GLY B 131 -5.52 6.41 4.58
CA GLY B 131 -4.78 6.54 5.83
C GLY B 131 -3.67 5.52 5.90
N SER B 132 -3.45 4.97 7.08
CA SER B 132 -2.46 3.92 7.23
C SER B 132 -2.91 2.80 8.13
N GLY B 133 -4.17 2.79 8.57
CA GLY B 133 -4.64 1.71 9.41
C GLY B 133 -5.43 0.68 8.64
N GLU B 134 -6.57 0.30 9.22
CA GLU B 134 -7.52 -0.61 8.59
C GLU B 134 -8.06 -0.08 7.27
N GLY B 135 -8.02 1.25 7.05
CA GLY B 135 -8.37 1.80 5.75
C GLY B 135 -7.65 1.14 4.58
N LEU B 136 -6.46 0.60 4.82
CA LEU B 136 -5.73 -0.03 3.73
C LEU B 136 -6.44 -1.30 3.27
N ASP B 137 -7.24 -1.90 4.14
CA ASP B 137 -8.04 -3.08 3.83
C ASP B 137 -9.45 -2.69 3.48
N LEU B 138 -10.06 -1.82 4.31
CA LEU B 138 -11.45 -1.44 4.10
C LEU B 138 -11.60 -0.52 2.88
N GLY B 139 -10.57 0.25 2.55
CA GLY B 139 -10.63 1.00 1.31
C GLY B 139 -10.64 0.11 0.08
N ARG B 140 -9.98 -1.05 0.15
CA ARG B 140 -10.01 -1.95 -1.00
C ARG B 140 -11.38 -2.61 -1.16
N VAL B 141 -12.03 -2.94 -0.03
CA VAL B 141 -13.40 -3.44 -0.05
C VAL B 141 -14.34 -2.44 -0.73
N CYS B 142 -14.24 -1.17 -0.31
CA CYS B 142 -14.97 -0.07 -0.95
C CYS B 142 -14.77 -0.08 -2.46
N LEU B 143 -13.50 0.02 -2.88
CA LEU B 143 -13.22 0.03 -4.32
C LEU B 143 -13.95 -1.13 -4.99
N ARG B 144 -13.84 -2.32 -4.42
CA ARG B 144 -14.52 -3.46 -5.02
C ARG B 144 -16.03 -3.30 -4.93
N LYS B 145 -16.54 -2.75 -3.83
CA LYS B 145 -17.98 -2.60 -3.70
C LYS B 145 -18.55 -1.65 -4.76
N TRP B 146 -17.83 -0.57 -5.04
CA TRP B 146 -18.24 0.43 -6.03
C TRP B 146 -17.89 0.04 -7.45
N GLY B 147 -17.29 -1.13 -7.66
CA GLY B 147 -17.09 -1.64 -9.00
C GLY B 147 -15.74 -1.37 -9.62
N TYR B 148 -14.75 -0.94 -8.85
CA TYR B 148 -13.43 -0.68 -9.39
C TYR B 148 -12.47 -1.80 -9.01
N ARG B 149 -11.36 -1.86 -9.73
CA ARG B 149 -10.20 -2.64 -9.35
C ARG B 149 -9.06 -1.68 -9.11
N ARG B 150 -8.20 -1.98 -8.14
CA ARG B 150 -7.06 -1.11 -7.86
C ARG B 150 -6.00 -1.29 -8.93
N CYS B 151 -5.44 -0.19 -9.43
CA CYS B 151 -4.32 -0.31 -10.35
C CYS B 151 -3.06 0.41 -9.88
N GLU B 152 -3.16 1.39 -9.00
CA GLU B 152 -1.99 1.96 -8.35
C GLU B 152 -2.27 2.11 -6.86
N ASP B 153 -1.20 2.02 -6.09
CA ASP B 153 -1.17 2.30 -4.66
C ASP B 153 -0.19 3.45 -4.52
N ILE B 154 -0.69 4.68 -4.39
CA ILE B 154 0.15 5.87 -4.26
C ILE B 154 0.44 6.11 -2.79
N CYS B 155 1.71 6.26 -2.43
CA CYS B 155 2.12 6.39 -1.04
CA CYS B 155 2.13 6.39 -1.04
C CYS B 155 2.62 7.81 -0.76
N TRP B 156 2.02 8.45 0.25
CA TRP B 156 2.46 9.76 0.72
C TRP B 156 3.39 9.53 1.90
N ILE B 157 4.68 9.62 1.64
CA ILE B 157 5.70 9.37 2.64
C ILE B 157 6.08 10.70 3.30
N LYS B 158 6.11 10.72 4.62
CA LYS B 158 6.23 11.96 5.38
C LYS B 158 7.60 12.08 6.03
N THR B 159 8.35 13.11 5.65
CA THR B 159 9.62 13.36 6.31
C THR B 159 9.39 14.15 7.61
N ASN B 160 10.32 13.96 8.57
CA ASN B 160 10.35 14.70 9.82
C ASN B 160 11.69 15.45 10.01
N LYS B 161 12.20 16.05 8.94
CA LYS B 161 13.49 16.74 9.02
C LYS B 161 13.47 17.84 10.07
N ASN B 162 12.32 18.51 10.21
CA ASN B 162 12.18 19.61 11.16
C ASN B 162 11.81 19.15 12.56
N ASN B 163 11.68 17.83 12.78
CA ASN B 163 11.31 17.38 14.12
C ASN B 163 11.73 15.95 14.41
N PRO B 164 13.03 15.63 14.37
CA PRO B 164 13.44 14.28 14.79
C PRO B 164 13.17 14.06 16.27
N LEU B 170 1.02 5.94 19.24
CA LEU B 170 0.96 4.79 18.33
C LEU B 170 -0.36 4.02 18.46
N ASP B 171 -0.93 3.63 17.30
CA ASP B 171 -2.12 2.79 17.28
C ASP B 171 -1.84 1.50 18.04
N PRO B 172 -2.78 1.04 18.87
CA PRO B 172 -2.53 -0.19 19.67
C PRO B 172 -2.09 -1.40 18.87
N LYS B 173 -2.67 -1.62 17.68
CA LYS B 173 -2.30 -2.78 16.87
C LYS B 173 -1.00 -2.57 16.09
N ALA B 174 -0.51 -1.32 15.99
CA ALA B 174 0.67 -1.04 15.19
C ALA B 174 1.89 -1.79 15.71
N VAL B 175 2.66 -2.33 14.77
CA VAL B 175 3.97 -2.88 15.07
C VAL B 175 5.05 -1.81 14.89
N PHE B 176 4.81 -0.84 14.02
CA PHE B 176 5.82 0.13 13.65
C PHE B 176 5.27 1.54 13.79
N GLN B 177 6.18 2.50 13.81
CA GLN B 177 5.76 3.89 13.70
C GLN B 177 5.28 4.14 12.29
N ARG B 178 4.06 4.67 12.18
CA ARG B 178 3.44 4.93 10.89
C ARG B 178 3.82 6.32 10.40
N THR B 179 4.52 6.37 9.26
CA THR B 179 5.06 7.62 8.72
C THR B 179 4.57 7.90 7.31
N LYS B 180 3.42 7.38 6.92
CA LYS B 180 2.97 7.51 5.53
C LYS B 180 1.47 7.27 5.46
N GLU B 181 0.86 7.71 4.37
CA GLU B 181 -0.55 7.47 4.07
C GLU B 181 -0.67 6.88 2.66
N HIS B 182 -1.80 6.22 2.38
CA HIS B 182 -2.01 5.60 1.08
C HIS B 182 -3.22 6.20 0.38
N CYS B 183 -3.05 6.55 -0.89
CA CYS B 183 -4.14 6.94 -1.77
C CYS B 183 -4.28 5.87 -2.84
N LEU B 184 -5.40 5.14 -2.82
CA LEU B 184 -5.61 4.02 -3.72
C LEU B 184 -6.26 4.48 -5.00
N MET B 185 -5.75 3.98 -6.12
CA MET B 185 -6.27 4.32 -7.44
C MET B 185 -7.09 3.14 -7.95
N GLY B 186 -8.31 3.41 -8.36
CA GLY B 186 -9.17 2.38 -8.91
C GLY B 186 -9.68 2.80 -10.26
N ILE B 187 -9.86 1.80 -11.12
CA ILE B 187 -10.38 1.97 -12.47
C ILE B 187 -11.62 1.08 -12.62
N LYS B 188 -12.60 1.58 -13.36
CA LYS B 188 -13.79 0.81 -13.70
C LYS B 188 -14.06 1.00 -15.18
N GLY B 189 -14.50 -0.08 -15.83
CA GLY B 189 -14.64 -0.05 -17.28
C GLY B 189 -13.34 -0.43 -17.96
N THR B 190 -13.29 -0.18 -19.26
CA THR B 190 -12.06 -0.45 -20.03
C THR B 190 -11.33 0.84 -20.40
N VAL B 204 5.17 9.17 -16.53
CA VAL B 204 5.83 10.40 -16.09
C VAL B 204 5.94 10.45 -14.56
N ASP B 205 4.82 10.24 -13.88
CA ASP B 205 4.78 10.32 -12.42
C ASP B 205 5.14 8.98 -11.78
N ILE B 206 5.43 9.03 -10.49
CA ILE B 206 5.79 7.88 -9.69
C ILE B 206 4.70 7.68 -8.64
N ASP B 207 4.68 6.50 -8.02
CA ASP B 207 3.65 6.18 -7.05
C ASP B 207 4.04 6.59 -5.63
N LEU B 208 4.86 7.64 -5.49
CA LEU B 208 5.30 8.16 -4.21
C LEU B 208 5.18 9.66 -4.19
N ILE B 209 4.65 10.21 -3.11
CA ILE B 209 4.69 11.64 -2.81
C ILE B 209 5.49 11.82 -1.53
N ILE B 210 6.53 12.65 -1.57
CA ILE B 210 7.37 12.89 -0.41
C ILE B 210 7.26 14.36 -0.03
N THR B 211 6.74 14.61 1.18
CA THR B 211 6.71 15.94 1.77
C THR B 211 7.00 15.82 3.25
N GLU B 212 7.26 16.97 3.89
CA GLU B 212 7.40 16.99 5.34
C GLU B 212 6.07 16.71 6.02
N GLU B 213 6.13 16.01 7.14
CA GLU B 213 4.94 15.82 7.95
C GLU B 213 4.32 17.17 8.30
N PRO B 214 3.02 17.34 8.09
CA PRO B 214 2.38 18.63 8.41
C PRO B 214 2.27 18.81 9.91
N GLU B 215 1.98 20.05 10.31
CA GLU B 215 1.74 20.35 11.72
C GLU B 215 0.55 19.54 12.24
N ILE B 216 0.58 19.23 13.54
CA ILE B 216 -0.49 18.45 14.13
C ILE B 216 -1.81 19.21 13.96
N GLY B 217 -2.90 18.46 13.80
CA GLY B 217 -4.19 19.04 13.51
C GLY B 217 -4.37 19.55 12.09
N ASN B 218 -3.31 19.56 11.29
CA ASN B 218 -3.41 19.84 9.85
C ASN B 218 -3.69 18.52 9.13
N ILE B 219 -4.84 18.46 8.45
CA ILE B 219 -5.28 17.23 7.82
C ILE B 219 -5.18 17.30 6.31
N GLU B 220 -4.55 18.36 5.77
CA GLU B 220 -4.51 18.56 4.34
C GLU B 220 -3.66 17.51 3.66
N LYS B 221 -4.12 17.04 2.48
CA LYS B 221 -3.25 16.11 1.80
C LYS B 221 -2.41 16.84 0.77
N PRO B 222 -1.23 16.35 0.46
CA PRO B 222 -0.37 17.05 -0.50
C PRO B 222 -1.09 17.35 -1.80
N VAL B 223 -1.05 18.63 -2.18
CA VAL B 223 -1.61 19.08 -3.45
C VAL B 223 -1.01 18.32 -4.63
N GLU B 224 0.13 17.65 -4.44
CA GLU B 224 0.72 16.87 -5.53
C GLU B 224 -0.21 15.78 -6.06
N ILE B 225 -1.11 15.25 -5.21
CA ILE B 225 -2.06 14.24 -5.68
C ILE B 225 -2.88 14.81 -6.85
N PHE B 226 -3.14 16.12 -6.86
CA PHE B 226 -3.89 16.69 -7.96
C PHE B 226 -3.08 16.68 -9.24
N HIS B 227 -1.77 16.91 -9.14
CA HIS B 227 -0.97 16.92 -10.35
C HIS B 227 -0.88 15.51 -10.93
N ILE B 228 -0.67 14.52 -10.07
CA ILE B 228 -0.65 13.14 -10.57
C ILE B 228 -1.98 12.80 -11.25
N ILE B 229 -3.10 13.17 -10.64
CA ILE B 229 -4.37 12.82 -11.26
C ILE B 229 -4.51 13.51 -12.60
N GLU B 230 -4.27 14.83 -12.63
CA GLU B 230 -4.48 15.60 -13.85
C GLU B 230 -3.54 15.17 -14.97
N HIS B 231 -2.31 14.74 -14.64
CA HIS B 231 -1.39 14.30 -15.68
C HIS B 231 -1.79 12.97 -16.32
N PHE B 232 -2.71 12.22 -15.73
CA PHE B 232 -3.25 11.03 -16.39
C PHE B 232 -4.22 11.36 -17.52
N CYS B 233 -4.69 12.61 -17.62
CA CYS B 233 -5.60 13.04 -18.70
C CYS B 233 -6.81 12.10 -18.81
N LEU B 234 -7.61 12.07 -17.73
CA LEU B 234 -8.63 11.05 -17.55
C LEU B 234 -10.01 11.50 -17.96
N GLY B 235 -10.18 12.72 -18.43
CA GLY B 235 -11.49 13.31 -18.57
C GLY B 235 -11.62 14.53 -17.68
N ARG B 236 -12.65 15.32 -17.98
CA ARG B 236 -12.80 16.64 -17.39
C ARG B 236 -13.87 16.70 -16.32
N ARG B 237 -14.67 15.66 -16.13
CA ARG B 237 -15.63 15.64 -15.02
C ARG B 237 -14.90 15.09 -13.80
N ARG B 238 -14.43 15.99 -12.94
CA ARG B 238 -13.63 15.65 -11.78
C ARG B 238 -14.36 16.07 -10.51
N LEU B 239 -14.53 15.12 -9.58
CA LEU B 239 -15.30 15.33 -8.37
C LEU B 239 -14.38 15.11 -7.17
N HIS B 240 -14.40 16.05 -6.22
CA HIS B 240 -13.64 15.91 -4.98
C HIS B 240 -14.62 15.85 -3.82
N LEU B 241 -14.81 14.67 -3.25
CA LEU B 241 -15.74 14.53 -2.14
C LEU B 241 -14.98 14.75 -0.86
N PHE B 242 -15.53 15.59 0.03
CA PHE B 242 -14.92 16.00 1.30
C PHE B 242 -13.76 16.96 1.09
N GLY B 243 -13.68 17.60 -0.07
CA GLY B 243 -12.83 18.76 -0.24
C GLY B 243 -13.26 19.88 0.71
N ARG B 244 -12.52 20.98 0.67
CA ARG B 244 -12.71 22.07 1.61
C ARG B 244 -12.50 23.39 0.85
N ASP B 245 -12.84 24.51 1.49
CA ASP B 245 -12.51 25.82 0.93
C ASP B 245 -11.08 25.87 0.40
N SER B 246 -10.13 25.36 1.20
CA SER B 246 -8.72 25.38 0.86
C SER B 246 -8.35 24.40 -0.25
N THR B 247 -9.24 23.53 -0.70
CA THR B 247 -8.87 22.61 -1.76
C THR B 247 -9.52 22.96 -3.10
N ILE B 248 -10.38 23.96 -3.14
CA ILE B 248 -11.05 24.30 -4.39
C ILE B 248 -10.04 24.70 -5.46
N ARG B 249 -10.33 24.34 -6.69
CA ARG B 249 -9.28 24.22 -7.68
C ARG B 249 -9.92 24.20 -9.07
N PRO B 250 -9.37 24.92 -10.04
CA PRO B 250 -9.97 24.90 -11.37
C PRO B 250 -10.01 23.49 -11.92
N GLY B 251 -10.97 23.23 -12.78
CA GLY B 251 -11.10 21.88 -13.31
C GLY B 251 -11.67 20.87 -12.34
N TRP B 252 -12.23 21.31 -11.21
CA TRP B 252 -12.72 20.39 -10.20
C TRP B 252 -14.06 20.86 -9.64
N LEU B 253 -14.89 19.89 -9.31
CA LEU B 253 -16.10 20.11 -8.53
C LEU B 253 -15.85 19.59 -7.13
N THR B 254 -15.89 20.48 -6.15
CA THR B 254 -15.63 20.15 -4.76
C THR B 254 -16.94 20.09 -3.99
N VAL B 255 -17.16 18.98 -3.28
CA VAL B 255 -18.36 18.79 -2.47
C VAL B 255 -17.95 18.30 -1.09
N GLY B 256 -18.38 19.02 -0.06
CA GLY B 256 -17.99 18.70 1.30
C GLY B 256 -18.83 19.47 2.29
N PRO B 257 -18.88 18.98 3.53
CA PRO B 257 -19.72 19.65 4.54
C PRO B 257 -19.16 20.96 5.08
N THR B 258 -17.86 21.21 5.00
CA THR B 258 -17.32 22.44 5.61
C THR B 258 -17.20 23.62 4.64
N LEU B 259 -17.54 23.44 3.36
CA LEU B 259 -17.49 24.57 2.43
C LEU B 259 -18.34 25.70 2.96
N THR B 260 -17.82 26.93 2.85
CA THR B 260 -18.61 28.05 3.35
C THR B 260 -19.49 28.67 2.28
N ASN B 261 -19.14 28.53 1.00
CA ASN B 261 -19.96 29.02 -0.10
C ASN B 261 -20.18 27.92 -1.13
N SER B 262 -21.20 28.12 -1.96
CA SER B 262 -21.52 27.20 -3.03
C SER B 262 -21.80 28.01 -4.28
N ASN B 263 -21.44 27.44 -5.42
CA ASN B 263 -21.84 27.97 -6.70
C ASN B 263 -22.29 26.85 -7.64
N TYR B 264 -22.51 25.62 -7.15
CA TYR B 264 -22.82 24.51 -8.04
C TYR B 264 -24.20 24.66 -8.65
N ASN B 265 -24.28 24.48 -9.95
CA ASN B 265 -25.55 24.31 -10.65
C ASN B 265 -25.39 23.21 -11.67
N ALA B 266 -26.22 22.16 -11.54
CA ALA B 266 -26.07 20.96 -12.37
C ALA B 266 -26.19 21.29 -13.84
N GLU B 267 -27.18 22.09 -14.21
CA GLU B 267 -27.31 22.52 -15.59
C GLU B 267 -26.07 23.29 -16.05
N THR B 268 -25.65 24.30 -15.29
CA THR B 268 -24.42 25.02 -15.63
C THR B 268 -23.23 24.06 -15.71
N TYR B 269 -23.08 23.21 -14.71
CA TYR B 269 -21.96 22.28 -14.70
C TYR B 269 -21.97 21.40 -15.94
N ALA B 270 -23.15 20.81 -16.26
CA ALA B 270 -23.24 19.95 -17.42
C ALA B 270 -22.96 20.69 -18.72
N SER B 271 -23.26 21.99 -18.77
CA SER B 271 -23.00 22.74 -20.00
C SER B 271 -21.51 22.84 -20.32
N TYR B 272 -20.60 22.64 -19.36
CA TYR B 272 -19.18 22.61 -19.68
C TYR B 272 -18.79 21.40 -20.54
N PHE B 273 -19.62 20.36 -20.60
CA PHE B 273 -19.27 19.13 -21.29
C PHE B 273 -20.29 18.75 -22.37
N SER B 274 -21.14 19.68 -22.77
CA SER B 274 -21.95 19.41 -23.96
C SER B 274 -21.07 19.40 -25.20
N ALA B 275 -21.63 18.85 -26.27
CA ALA B 275 -20.93 18.79 -27.56
C ALA B 275 -20.48 20.18 -27.97
N PRO B 276 -19.29 20.31 -28.57
CA PRO B 276 -18.41 19.21 -28.95
C PRO B 276 -17.35 18.80 -27.89
N ASN B 277 -17.64 18.94 -26.60
CA ASN B 277 -16.61 18.77 -25.58
C ASN B 277 -16.90 17.61 -24.62
N SER B 278 -17.78 16.68 -25.01
CA SER B 278 -18.23 15.61 -24.11
C SER B 278 -17.14 14.59 -23.80
N TYR B 279 -16.12 14.45 -24.64
CA TYR B 279 -15.17 13.37 -24.50
C TYR B 279 -13.72 13.85 -24.36
N LEU B 280 -13.52 15.14 -24.13
CA LEU B 280 -12.16 15.69 -24.03
C LEU B 280 -11.44 15.07 -22.83
N THR B 281 -10.12 14.90 -22.97
CA THR B 281 -9.34 14.23 -21.93
C THR B 281 -8.91 15.16 -20.81
N GLY B 282 -8.99 16.47 -21.01
CA GLY B 282 -8.41 17.41 -20.09
C GLY B 282 -7.02 17.85 -20.45
N CYS B 283 -6.44 17.26 -21.50
CA CYS B 283 -5.06 17.51 -21.91
C CYS B 283 -4.95 17.94 -23.37
N THR B 284 -6.06 18.31 -24.01
CA THR B 284 -6.05 18.70 -25.40
C THR B 284 -6.47 20.17 -25.53
N GLU B 285 -6.23 20.74 -26.70
CA GLU B 285 -6.65 22.11 -26.97
C GLU B 285 -8.18 22.18 -27.04
N GLU B 286 -8.75 23.24 -26.48
CA GLU B 286 -10.20 23.41 -26.53
C GLU B 286 -10.66 23.49 -27.98
N ILE B 287 -11.89 23.00 -28.22
CA ILE B 287 -12.44 22.95 -29.57
C ILE B 287 -12.93 24.34 -29.97
N GLU B 288 -12.49 24.80 -31.15
CA GLU B 288 -12.77 26.16 -31.59
C GLU B 288 -14.25 26.34 -31.91
N ARG B 289 -14.75 27.55 -31.63
CA ARG B 289 -16.16 27.90 -31.75
C ARG B 289 -16.32 29.13 -32.64
N LEU B 290 -17.58 29.37 -33.03
CA LEU B 290 -18.04 30.46 -33.93
C LEU B 290 -16.97 31.05 -34.86
#